data_9F31
#
_entry.id   9F31
#
_cell.length_a   168.734
_cell.length_b   168.734
_cell.length_c   168.734
_cell.angle_alpha   90.00
_cell.angle_beta   90.00
_cell.angle_gamma   90.00
#
_symmetry.space_group_name_H-M   'I 41 3 2'
#
loop_
_entity.id
_entity.type
_entity.pdbx_description
1 polymer 'Maternal embryonic leucine zipper kinase'
2 non-polymer N-[4-(1H-indazol-5-yl)phenyl]propanamide
3 water water
#
_entity_poly.entity_id   1
_entity_poly.type   'polypeptide(L)'
_entity_poly.pdbx_seq_one_letter_code
;SMKDYDELLKYYELHETIGTGGFAKVKLACHILTGEMVAIKIMDKNTLGSDLPRIKTEIEALKNLRHQHICQLYHVLETA
NKIFMVLEYCPGGELFDYIISQDRLSEEETRVVFRQIVSAVAYVHSQGYAHRDLKPENLLFDEYHKLKLIDFGLCAKPKG
NKDYHLQTCCGSLAYAAPELIQGKSYLGSEADVWSMGILLYVLMCGFLPFDDDNVMALYKKIMRGKYDVPKWLSPSSILL
LQQMLQVDPKKRISMKNLLNHPWIMQDYNYPVEWQSKNPFIHLDDDCVTELSVHHRNNRQTMEDLISLWQYDHLTATYLL
LLAKKARGKPVRLRLSSFSCGQASATPFT
;
_entity_poly.pdbx_strand_id   A
#
# COMPACT_ATOMS: atom_id res chain seq x y z
N MET A 2 -5.58 -1.09 29.17
CA MET A 2 -4.32 -1.42 29.87
C MET A 2 -3.62 -0.13 30.29
N LYS A 3 -4.29 1.03 30.13
CA LYS A 3 -3.66 2.34 30.24
C LYS A 3 -2.77 2.59 29.02
N ASP A 4 -2.54 1.56 28.20
CA ASP A 4 -1.90 1.73 26.92
C ASP A 4 -2.84 2.40 25.93
N TYR A 5 -4.13 2.43 26.26
CA TYR A 5 -5.16 2.95 25.38
C TYR A 5 -5.59 4.35 25.79
N ASP A 6 -5.04 4.86 26.89
CA ASP A 6 -5.48 6.14 27.43
C ASP A 6 -5.21 7.22 26.40
N GLU A 7 -3.94 7.41 26.06
CA GLU A 7 -3.56 8.44 25.10
C GLU A 7 -4.35 8.25 23.80
N LEU A 8 -4.36 7.02 23.24
CA LEU A 8 -4.99 6.77 21.96
C LEU A 8 -6.44 7.27 21.94
N LEU A 9 -7.16 6.99 23.03
CA LEU A 9 -8.59 7.23 23.12
C LEU A 9 -8.91 8.71 23.38
N LYS A 10 -7.89 9.54 23.60
CA LYS A 10 -8.10 10.97 23.51
C LYS A 10 -8.28 11.40 22.06
N TYR A 11 -7.87 10.58 21.08
CA TYR A 11 -7.85 11.07 19.71
C TYR A 11 -8.73 10.23 18.79
N TYR A 12 -8.94 8.95 19.16
CA TYR A 12 -9.64 8.02 18.30
C TYR A 12 -10.73 7.30 19.11
N GLU A 13 -11.81 6.97 18.40
CA GLU A 13 -12.83 6.04 18.86
C GLU A 13 -12.65 4.75 18.06
N LEU A 14 -12.43 3.65 18.79
CA LEU A 14 -12.13 2.35 18.23
C LEU A 14 -13.40 1.64 17.80
N HIS A 15 -13.40 1.08 16.58
CA HIS A 15 -14.52 0.28 16.11
C HIS A 15 -14.08 -1.17 16.04
N GLU A 16 -14.46 -1.87 14.96
CA GLU A 16 -14.28 -3.30 14.85
C GLU A 16 -12.88 -3.66 14.37
N THR A 17 -12.40 -4.81 14.87
CA THR A 17 -11.16 -5.43 14.43
C THR A 17 -11.37 -5.83 12.98
N ILE A 18 -10.39 -5.57 12.10
CA ILE A 18 -10.52 -5.99 10.71
C ILE A 18 -9.34 -6.88 10.31
N GLY A 19 -8.47 -7.22 11.25
CA GLY A 19 -7.29 -8.01 10.94
C GLY A 19 -6.52 -8.36 12.21
N THR A 20 -6.04 -9.60 12.28
CA THR A 20 -5.21 -10.02 13.40
C THR A 20 -4.02 -10.79 12.85
N GLY A 21 -3.07 -11.09 13.73
CA GLY A 21 -1.81 -11.70 13.35
C GLY A 21 -0.86 -11.74 14.55
N GLY A 22 0.21 -12.51 14.45
CA GLY A 22 1.28 -12.42 15.44
C GLY A 22 1.82 -10.98 15.50
N PHE A 23 1.99 -10.48 16.71
CA PHE A 23 2.62 -9.17 16.93
C PHE A 23 1.65 -8.00 16.72
N ALA A 24 0.61 -8.13 15.85
CA ALA A 24 -0.22 -7.01 15.38
C ALA A 24 -1.74 -7.31 15.30
N LYS A 25 -2.56 -6.33 15.67
CA LYS A 25 -3.98 -6.30 15.38
C LYS A 25 -4.33 -5.03 14.59
N VAL A 26 -5.24 -5.12 13.59
CA VAL A 26 -5.72 -3.93 12.88
C VAL A 26 -7.20 -3.67 13.21
N LYS A 27 -7.46 -2.44 13.69
CA LYS A 27 -8.80 -1.99 14.04
C LYS A 27 -9.22 -0.79 13.18
N LEU A 28 -10.49 -0.76 12.78
CA LEU A 28 -11.16 0.43 12.30
C LEU A 28 -11.34 1.42 13.44
N ALA A 29 -11.21 2.72 13.13
CA ALA A 29 -11.38 3.73 14.15
C ALA A 29 -11.75 5.05 13.50
N CYS A 30 -12.22 5.95 14.37
CA CYS A 30 -12.64 7.26 13.94
C CYS A 30 -11.75 8.26 14.67
N HIS A 31 -11.10 9.11 13.89
CA HIS A 31 -10.39 10.26 14.44
C HIS A 31 -11.42 11.33 14.82
N ILE A 32 -11.48 11.63 16.10
CA ILE A 32 -12.56 12.42 16.70
C ILE A 32 -12.62 13.82 16.10
N LEU A 33 -11.48 14.49 15.96
CA LEU A 33 -11.49 15.89 15.53
C LEU A 33 -12.00 16.08 14.10
N THR A 34 -11.73 15.14 13.20
CA THR A 34 -12.17 15.27 11.82
C THR A 34 -13.44 14.46 11.57
N GLY A 35 -13.71 13.45 12.40
CA GLY A 35 -14.72 12.44 12.10
C GLY A 35 -14.29 11.49 10.99
N GLU A 36 -13.01 11.47 10.60
CA GLU A 36 -12.59 10.59 9.53
C GLU A 36 -12.26 9.19 10.07
N MET A 37 -12.63 8.18 9.27
CA MET A 37 -12.31 6.80 9.57
C MET A 37 -10.83 6.58 9.23
N VAL A 38 -10.13 5.82 10.09
CA VAL A 38 -8.77 5.39 9.85
C VAL A 38 -8.67 3.90 10.19
N ALA A 39 -7.51 3.31 9.86
CA ALA A 39 -7.14 1.98 10.31
C ALA A 39 -6.00 2.09 11.30
N ILE A 40 -6.09 1.39 12.43
CA ILE A 40 -5.04 1.44 13.41
C ILE A 40 -4.46 0.05 13.59
N LYS A 41 -3.17 -0.04 13.29
CA LYS A 41 -2.35 -1.23 13.51
C LYS A 41 -1.75 -1.09 14.90
N ILE A 42 -2.12 -2.05 15.75
CA ILE A 42 -1.70 -2.11 17.15
C ILE A 42 -0.67 -3.22 17.30
N MET A 43 0.54 -2.87 17.76
CA MET A 43 1.65 -3.78 17.92
C MET A 43 2.11 -3.83 19.37
N ASP A 44 2.30 -5.04 19.92
CA ASP A 44 2.76 -5.18 21.29
C ASP A 44 4.28 -5.27 21.31
N LYS A 45 4.91 -4.43 22.13
CA LYS A 45 6.37 -4.32 22.15
C LYS A 45 6.98 -5.58 22.74
N ASN A 46 6.28 -6.22 23.66
CA ASN A 46 6.80 -7.39 24.38
C ASN A 46 6.91 -8.55 23.40
N THR A 47 5.86 -8.74 22.60
CA THR A 47 5.81 -9.73 21.53
C THR A 47 6.92 -9.49 20.50
N LEU A 48 7.13 -8.22 20.15
CA LEU A 48 8.15 -7.92 19.17
C LEU A 48 9.48 -8.29 19.80
N GLY A 49 9.71 -7.81 21.02
CA GLY A 49 10.96 -8.01 21.73
C GLY A 49 12.15 -7.57 20.88
N SER A 50 12.98 -8.55 20.52
CA SER A 50 14.22 -8.38 19.79
C SER A 50 14.03 -7.72 18.41
N ASP A 51 12.86 -7.88 17.79
CA ASP A 51 12.59 -7.30 16.48
C ASP A 51 12.09 -5.85 16.54
N LEU A 52 11.88 -5.31 17.75
CA LEU A 52 11.36 -3.97 17.91
C LEU A 52 12.18 -2.95 17.10
N PRO A 53 13.53 -3.02 17.08
CA PRO A 53 14.32 -2.05 16.30
C PRO A 53 14.03 -2.12 14.81
N ARG A 54 13.76 -3.33 14.31
CA ARG A 54 13.46 -3.52 12.90
C ARG A 54 12.15 -2.79 12.55
N ILE A 55 11.14 -2.93 13.42
CA ILE A 55 9.84 -2.30 13.20
C ILE A 55 9.99 -0.77 13.20
N LYS A 56 10.77 -0.22 14.13
CA LYS A 56 10.98 1.21 14.19
C LYS A 56 11.58 1.72 12.88
N THR A 57 12.59 1.01 12.38
CA THR A 57 13.18 1.26 11.08
C THR A 57 12.11 1.26 9.98
N GLU A 58 11.32 0.17 9.89
CA GLU A 58 10.25 0.08 8.89
C GLU A 58 9.22 1.21 9.06
N ILE A 59 8.98 1.65 10.30
CA ILE A 59 8.06 2.76 10.52
C ILE A 59 8.65 4.00 9.85
N GLU A 60 9.96 4.21 9.99
CA GLU A 60 10.62 5.39 9.42
C GLU A 60 10.58 5.34 7.90
N ALA A 61 10.77 4.15 7.33
CA ALA A 61 10.66 3.98 5.89
C ALA A 61 9.28 4.42 5.40
N LEU A 62 8.24 4.07 6.18
CA LEU A 62 6.87 4.34 5.78
C LEU A 62 6.55 5.84 5.87
N LYS A 63 7.17 6.55 6.81
CA LYS A 63 7.06 8.01 6.83
C LYS A 63 7.55 8.67 5.54
N ASN A 64 8.47 8.05 4.80
CA ASN A 64 8.95 8.56 3.52
C ASN A 64 8.25 7.96 2.31
N LEU A 65 7.16 7.22 2.52
CA LEU A 65 6.43 6.63 1.42
C LEU A 65 5.11 7.37 1.24
N ARG A 66 5.23 8.65 0.87
CA ARG A 66 4.08 9.49 0.62
C ARG A 66 3.79 9.45 -0.88
N HIS A 67 2.68 8.81 -1.24
CA HIS A 67 2.38 8.56 -2.65
C HIS A 67 0.89 8.27 -2.78
N GLN A 68 0.35 8.70 -3.92
CA GLN A 68 -1.07 8.63 -4.18
C GLN A 68 -1.61 7.20 -4.25
N HIS A 69 -0.75 6.19 -4.49
CA HIS A 69 -1.22 4.81 -4.54
C HIS A 69 -0.67 3.95 -3.41
N ILE A 70 -0.17 4.62 -2.36
CA ILE A 70 0.30 3.95 -1.17
C ILE A 70 -0.53 4.45 0.00
N CYS A 71 -1.01 3.50 0.79
CA CYS A 71 -1.79 3.76 1.98
C CYS A 71 -0.93 4.56 2.94
N GLN A 72 -1.42 5.73 3.37
CA GLN A 72 -0.55 6.67 4.03
C GLN A 72 -0.60 6.51 5.55
N LEU A 73 0.58 6.71 6.16
CA LEU A 73 0.73 6.75 7.59
C LEU A 73 0.41 8.14 8.12
N TYR A 74 -0.37 8.20 9.22
CA TYR A 74 -0.83 9.48 9.76
C TYR A 74 -0.24 9.76 11.14
N HIS A 75 0.01 8.72 11.91
CA HIS A 75 0.21 8.93 13.34
C HIS A 75 0.94 7.72 13.89
N VAL A 76 1.97 7.93 14.71
CA VAL A 76 2.65 6.86 15.42
C VAL A 76 2.61 7.25 16.89
N LEU A 77 1.97 6.41 17.69
CA LEU A 77 1.88 6.63 19.11
C LEU A 77 2.44 5.41 19.85
N GLU A 78 3.52 5.63 20.61
CA GLU A 78 4.18 4.61 21.39
C GLU A 78 3.84 4.81 22.85
N THR A 79 3.44 3.72 23.52
CA THR A 79 3.22 3.74 24.97
C THR A 79 4.21 2.75 25.57
N ALA A 80 4.11 2.52 26.89
CA ALA A 80 5.00 1.60 27.56
C ALA A 80 4.98 0.22 26.88
N ASN A 81 3.81 -0.25 26.41
CA ASN A 81 3.70 -1.62 25.91
C ASN A 81 3.30 -1.75 24.46
N LYS A 82 2.96 -0.63 23.80
CA LYS A 82 2.33 -0.70 22.48
C LYS A 82 2.94 0.33 21.52
N ILE A 83 2.88 0.02 20.22
CA ILE A 83 3.03 1.01 19.19
C ILE A 83 1.75 0.95 18.35
N PHE A 84 1.12 2.11 18.21
CA PHE A 84 -0.05 2.27 17.38
C PHE A 84 0.37 3.03 16.13
N MET A 85 0.04 2.49 14.97
CA MET A 85 0.23 3.18 13.71
C MET A 85 -1.14 3.42 13.09
N VAL A 86 -1.45 4.71 12.90
CA VAL A 86 -2.72 5.09 12.32
C VAL A 86 -2.51 5.31 10.84
N LEU A 87 -3.37 4.69 10.03
CA LEU A 87 -3.20 4.67 8.61
C LEU A 87 -4.48 5.08 7.91
N GLU A 88 -4.29 5.47 6.66
CA GLU A 88 -5.39 5.85 5.81
C GLU A 88 -6.35 4.69 5.65
N TYR A 89 -7.66 4.99 5.81
CA TYR A 89 -8.69 3.97 5.64
C TYR A 89 -9.02 3.87 4.16
N CYS A 90 -9.05 2.65 3.60
CA CYS A 90 -9.41 2.46 2.22
C CYS A 90 -10.78 1.80 2.14
N PRO A 91 -11.88 2.54 1.87
CA PRO A 91 -13.21 1.93 1.97
C PRO A 91 -13.70 1.02 0.84
N GLY A 92 -13.01 0.97 -0.30
CA GLY A 92 -13.46 0.18 -1.45
C GLY A 92 -13.17 -1.33 -1.35
N GLY A 93 -12.60 -1.82 -0.26
CA GLY A 93 -12.28 -3.24 -0.20
C GLY A 93 -11.17 -3.66 -1.18
N GLU A 94 -10.88 -4.96 -1.20
CA GLU A 94 -9.66 -5.47 -1.81
C GLU A 94 -9.89 -5.65 -3.30
N LEU A 95 -8.79 -5.50 -4.05
CA LEU A 95 -8.74 -5.90 -5.44
C LEU A 95 -9.21 -7.36 -5.60
N PHE A 96 -8.82 -8.20 -4.66
CA PHE A 96 -9.20 -9.61 -4.64
C PHE A 96 -10.73 -9.76 -4.82
N ASP A 97 -11.49 -9.04 -3.99
CA ASP A 97 -12.94 -9.04 -4.05
C ASP A 97 -13.40 -8.54 -5.40
N TYR A 98 -12.71 -7.55 -5.96
CA TYR A 98 -13.17 -6.99 -7.22
C TYR A 98 -13.03 -8.01 -8.35
N ILE A 99 -11.87 -8.65 -8.43
CA ILE A 99 -11.62 -9.61 -9.50
C ILE A 99 -12.70 -10.70 -9.51
N ILE A 100 -13.06 -11.22 -8.34
CA ILE A 100 -14.05 -12.29 -8.25
C ILE A 100 -15.44 -11.81 -8.72
N SER A 101 -15.84 -10.66 -8.23
CA SER A 101 -17.12 -10.08 -8.62
C SER A 101 -17.21 -9.89 -10.13
N GLN A 102 -16.09 -9.53 -10.79
CA GLN A 102 -16.09 -9.30 -12.23
C GLN A 102 -15.77 -10.57 -13.01
N ASP A 103 -15.40 -11.68 -12.34
CA ASP A 103 -14.89 -12.90 -12.97
C ASP A 103 -13.47 -12.81 -13.61
N ARG A 104 -13.28 -11.97 -14.64
CA ARG A 104 -11.95 -11.51 -15.02
C ARG A 104 -12.10 -10.09 -15.56
N LEU A 105 -11.04 -9.29 -15.55
CA LEU A 105 -11.11 -7.93 -16.10
C LEU A 105 -10.68 -7.98 -17.57
N SER A 106 -11.28 -7.08 -18.36
CA SER A 106 -10.86 -6.82 -19.73
C SER A 106 -9.41 -6.35 -19.72
N GLU A 107 -8.74 -6.48 -20.86
CA GLU A 107 -7.39 -5.92 -21.00
C GLU A 107 -7.40 -4.43 -20.63
N GLU A 108 -8.46 -3.73 -21.06
CA GLU A 108 -8.52 -2.28 -20.90
C GLU A 108 -8.61 -1.94 -19.42
N GLU A 109 -9.51 -2.62 -18.71
CA GLU A 109 -9.66 -2.31 -17.31
C GLU A 109 -8.48 -2.84 -16.49
N THR A 110 -7.91 -3.99 -16.90
CA THR A 110 -6.70 -4.47 -16.28
C THR A 110 -5.67 -3.34 -16.32
N ARG A 111 -5.50 -2.72 -17.50
CA ARG A 111 -4.52 -1.66 -17.68
C ARG A 111 -4.77 -0.50 -16.75
N VAL A 112 -6.04 -0.06 -16.59
CA VAL A 112 -6.30 1.05 -15.68
C VAL A 112 -5.71 0.69 -14.30
N VAL A 113 -6.04 -0.52 -13.83
CA VAL A 113 -5.72 -0.95 -12.48
C VAL A 113 -4.20 -1.16 -12.38
N PHE A 114 -3.64 -1.84 -13.38
CA PHE A 114 -2.25 -2.23 -13.33
C PHE A 114 -1.31 -1.03 -13.36
N ARG A 115 -1.67 0.04 -14.08
CA ARG A 115 -0.79 1.19 -14.15
C ARG A 115 -0.63 1.79 -12.77
N GLN A 116 -1.69 1.72 -11.97
CA GLN A 116 -1.67 2.26 -10.62
C GLN A 116 -0.73 1.44 -9.73
N ILE A 117 -0.81 0.11 -9.87
CA ILE A 117 0.08 -0.76 -9.13
C ILE A 117 1.54 -0.47 -9.50
N VAL A 118 1.81 -0.35 -10.80
CA VAL A 118 3.15 -0.13 -11.27
C VAL A 118 3.67 1.18 -10.71
N SER A 119 2.79 2.16 -10.62
CA SER A 119 3.14 3.47 -10.09
C SER A 119 3.62 3.34 -8.65
N ALA A 120 2.79 2.71 -7.80
CA ALA A 120 3.13 2.49 -6.40
C ALA A 120 4.45 1.74 -6.29
N VAL A 121 4.57 0.65 -7.03
CA VAL A 121 5.68 -0.24 -6.84
C VAL A 121 6.96 0.39 -7.40
N ALA A 122 6.84 1.09 -8.53
CA ALA A 122 8.00 1.83 -9.02
C ALA A 122 8.45 2.85 -7.97
N TYR A 123 7.52 3.55 -7.32
CA TYR A 123 7.91 4.53 -6.32
C TYR A 123 8.64 3.87 -5.15
N VAL A 124 8.13 2.76 -4.65
CA VAL A 124 8.77 2.05 -3.57
C VAL A 124 10.21 1.70 -3.93
N HIS A 125 10.40 1.13 -5.12
CA HIS A 125 11.71 0.68 -5.58
C HIS A 125 12.65 1.89 -5.71
N SER A 126 12.12 3.01 -6.17
CA SER A 126 12.94 4.21 -6.37
C SER A 126 13.45 4.73 -5.04
N GLN A 127 12.77 4.41 -3.93
CA GLN A 127 13.21 4.86 -2.62
C GLN A 127 14.14 3.83 -2.00
N GLY A 128 14.50 2.81 -2.77
CA GLY A 128 15.40 1.80 -2.29
C GLY A 128 14.70 0.75 -1.44
N TYR A 129 13.36 0.62 -1.57
CA TYR A 129 12.66 -0.43 -0.85
C TYR A 129 11.99 -1.39 -1.83
N ALA A 130 11.44 -2.50 -1.30
CA ALA A 130 10.61 -3.41 -2.07
C ALA A 130 9.37 -3.76 -1.23
N HIS A 131 8.34 -4.34 -1.84
CA HIS A 131 7.14 -4.66 -1.08
C HIS A 131 7.28 -6.07 -0.53
N ARG A 132 7.65 -7.02 -1.42
CA ARG A 132 8.01 -8.39 -1.10
C ARG A 132 6.78 -9.28 -0.85
N ASP A 133 5.58 -8.69 -0.83
CA ASP A 133 4.38 -9.50 -0.67
C ASP A 133 3.24 -8.94 -1.52
N LEU A 134 3.49 -8.71 -2.81
CA LEU A 134 2.41 -8.17 -3.63
C LEU A 134 1.40 -9.28 -3.92
N LYS A 135 0.14 -8.93 -3.75
CA LYS A 135 -0.98 -9.83 -4.02
C LYS A 135 -2.25 -9.01 -3.92
N PRO A 136 -3.38 -9.48 -4.49
CA PRO A 136 -4.61 -8.69 -4.61
C PRO A 136 -5.22 -8.31 -3.27
N GLU A 137 -4.87 -9.08 -2.24
CA GLU A 137 -5.30 -8.78 -0.88
C GLU A 137 -4.59 -7.54 -0.35
N ASN A 138 -3.44 -7.17 -0.93
CA ASN A 138 -2.65 -6.06 -0.39
C ASN A 138 -2.92 -4.80 -1.20
N LEU A 139 -3.96 -4.85 -2.05
CA LEU A 139 -4.30 -3.71 -2.87
C LEU A 139 -5.77 -3.40 -2.62
N LEU A 140 -6.00 -2.22 -2.05
CA LEU A 140 -7.32 -1.77 -1.66
C LEU A 140 -7.71 -0.58 -2.50
N PHE A 141 -9.00 -0.42 -2.67
CA PHE A 141 -9.57 0.72 -3.36
C PHE A 141 -9.98 1.77 -2.34
N ASP A 142 -9.83 3.03 -2.70
CA ASP A 142 -10.30 4.15 -1.90
C ASP A 142 -11.74 4.45 -2.33
N GLU A 143 -12.31 5.53 -1.79
CA GLU A 143 -13.64 6.03 -2.15
C GLU A 143 -13.86 6.08 -3.67
N TYR A 144 -12.79 6.33 -4.44
CA TYR A 144 -12.87 6.67 -5.85
C TYR A 144 -12.39 5.55 -6.77
N HIS A 145 -12.42 4.32 -6.26
CA HIS A 145 -11.90 3.16 -6.99
C HIS A 145 -10.45 3.41 -7.43
N LYS A 146 -9.65 4.08 -6.60
CA LYS A 146 -8.20 4.16 -6.81
C LYS A 146 -7.48 3.18 -5.86
N LEU A 147 -6.44 2.51 -6.37
CA LEU A 147 -5.68 1.53 -5.62
C LEU A 147 -4.69 2.15 -4.65
N LYS A 148 -4.63 1.56 -3.46
CA LYS A 148 -3.64 1.87 -2.45
C LYS A 148 -2.97 0.59 -1.99
N LEU A 149 -1.65 0.58 -2.02
CA LEU A 149 -0.86 -0.54 -1.58
C LEU A 149 -0.78 -0.50 -0.06
N ILE A 150 -0.99 -1.66 0.58
CA ILE A 150 -0.83 -1.76 2.02
C ILE A 150 0.25 -2.78 2.34
N ASP A 151 0.63 -2.81 3.63
CA ASP A 151 1.21 -3.97 4.32
C ASP A 151 2.63 -4.22 3.84
N PHE A 152 3.53 -3.28 4.13
CA PHE A 152 4.89 -3.37 3.62
C PHE A 152 5.68 -4.48 4.30
N GLY A 153 5.92 -4.30 5.60
CA GLY A 153 6.54 -5.31 6.42
C GLY A 153 5.77 -5.41 7.72
N LEU A 154 6.51 -5.49 8.83
CA LEU A 154 5.96 -5.50 10.17
C LEU A 154 5.15 -6.80 10.36
N CYS A 155 4.40 -7.22 9.31
CA CYS A 155 3.41 -8.29 9.38
C CYS A 155 3.61 -9.30 8.25
N ALA A 156 2.75 -10.33 8.22
CA ALA A 156 2.89 -11.43 7.28
C ALA A 156 4.25 -12.11 7.49
N SER A 172 -0.86 -17.49 -0.90
CA SER A 172 0.06 -16.33 -0.96
C SER A 172 1.43 -16.71 -1.53
N LEU A 173 1.79 -18.00 -1.39
CA LEU A 173 2.91 -18.56 -2.11
C LEU A 173 2.63 -18.56 -3.60
N ALA A 174 1.37 -18.50 -4.01
CA ALA A 174 1.07 -18.48 -5.44
C ALA A 174 1.70 -17.25 -6.15
N TYR A 175 1.96 -16.16 -5.41
CA TYR A 175 2.45 -14.91 -5.96
C TYR A 175 3.95 -14.77 -5.73
N ALA A 176 4.58 -15.75 -5.06
CA ALA A 176 5.98 -15.66 -4.68
C ALA A 176 6.92 -16.10 -5.80
N ALA A 177 8.02 -15.35 -5.93
CA ALA A 177 8.97 -15.59 -7.00
C ALA A 177 9.72 -16.89 -6.71
N PRO A 178 10.19 -17.59 -7.74
CA PRO A 178 10.98 -18.82 -7.60
C PRO A 178 12.20 -18.80 -6.69
N GLU A 179 12.89 -17.66 -6.62
CA GLU A 179 14.13 -17.58 -5.86
C GLU A 179 13.75 -17.32 -4.41
N LEU A 180 12.61 -16.68 -4.19
CA LEU A 180 12.19 -16.42 -2.84
C LEU A 180 11.77 -17.75 -2.20
N ILE A 181 11.07 -18.59 -2.95
CA ILE A 181 10.48 -19.79 -2.38
C ILE A 181 11.59 -20.81 -2.15
N GLN A 182 12.62 -20.81 -2.99
CA GLN A 182 13.78 -21.64 -2.73
C GLN A 182 14.64 -21.12 -1.59
N GLY A 183 14.19 -20.11 -0.84
CA GLY A 183 14.89 -19.58 0.33
C GLY A 183 16.24 -18.90 0.05
N LYS A 184 16.67 -18.81 -1.22
CA LYS A 184 17.91 -18.14 -1.60
C LYS A 184 17.75 -16.66 -1.32
N SER A 185 18.86 -15.89 -1.30
CA SER A 185 18.66 -14.46 -1.19
C SER A 185 18.12 -13.99 -2.54
N TYR A 186 17.42 -12.88 -2.48
CA TYR A 186 16.64 -12.46 -3.62
C TYR A 186 16.61 -10.95 -3.51
N LEU A 187 16.54 -10.25 -4.64
CA LEU A 187 16.34 -8.82 -4.62
C LEU A 187 14.85 -8.55 -4.56
N GLY A 188 14.45 -7.74 -3.58
CA GLY A 188 13.06 -7.41 -3.39
C GLY A 188 12.45 -6.88 -4.68
N SER A 189 13.19 -6.01 -5.36
CA SER A 189 12.68 -5.35 -6.54
C SER A 189 12.37 -6.40 -7.60
N GLU A 190 13.27 -7.35 -7.81
CA GLU A 190 13.07 -8.38 -8.83
C GLU A 190 11.90 -9.32 -8.48
N ALA A 191 11.71 -9.63 -7.19
CA ALA A 191 10.67 -10.53 -6.76
C ALA A 191 9.32 -9.84 -6.93
N ASP A 192 9.30 -8.53 -6.70
CA ASP A 192 8.14 -7.70 -6.95
C ASP A 192 7.71 -7.78 -8.42
N VAL A 193 8.65 -7.78 -9.36
CA VAL A 193 8.29 -7.85 -10.76
C VAL A 193 7.58 -9.17 -11.07
N TRP A 194 8.13 -10.27 -10.60
CA TRP A 194 7.47 -11.57 -10.71
C TRP A 194 6.05 -11.48 -10.16
N SER A 195 5.91 -11.04 -8.91
CA SER A 195 4.61 -11.02 -8.27
C SER A 195 3.63 -10.19 -9.11
N MET A 196 4.13 -9.08 -9.66
CA MET A 196 3.28 -8.24 -10.47
C MET A 196 2.87 -8.96 -11.75
N GLY A 197 3.73 -9.83 -12.28
CA GLY A 197 3.33 -10.63 -13.41
C GLY A 197 2.20 -11.62 -13.07
N ILE A 198 2.30 -12.24 -11.90
CA ILE A 198 1.23 -13.12 -11.46
C ILE A 198 -0.05 -12.29 -11.37
N LEU A 199 0.00 -11.13 -10.71
CA LEU A 199 -1.11 -10.20 -10.58
C LEU A 199 -1.72 -9.87 -11.92
N LEU A 200 -0.87 -9.55 -12.90
CA LEU A 200 -1.32 -9.27 -14.26
C LEU A 200 -2.13 -10.44 -14.81
N TYR A 201 -1.56 -11.65 -14.68
CA TYR A 201 -2.23 -12.84 -15.18
C TYR A 201 -3.59 -13.02 -14.50
N VAL A 202 -3.63 -12.85 -13.18
CA VAL A 202 -4.87 -13.07 -12.45
C VAL A 202 -5.92 -12.03 -12.84
N LEU A 203 -5.52 -10.78 -12.99
CA LEU A 203 -6.45 -9.73 -13.38
C LEU A 203 -7.14 -10.06 -14.70
N MET A 204 -6.37 -10.58 -15.66
CA MET A 204 -6.87 -10.78 -17.00
C MET A 204 -7.45 -12.18 -17.19
N CYS A 205 -7.15 -13.11 -16.28
CA CYS A 205 -7.59 -14.49 -16.44
C CYS A 205 -8.66 -14.89 -15.43
N GLY A 206 -8.63 -14.32 -14.24
CA GLY A 206 -9.54 -14.65 -13.15
C GLY A 206 -9.20 -15.96 -12.43
N PHE A 207 -7.96 -16.43 -12.63
CA PHE A 207 -7.40 -17.58 -11.93
C PHE A 207 -5.85 -17.54 -11.95
N LEU A 208 -5.25 -18.33 -11.05
CA LEU A 208 -3.80 -18.36 -10.89
C LEU A 208 -3.14 -19.03 -12.07
N PRO A 209 -1.92 -18.58 -12.46
CA PRO A 209 -1.14 -19.27 -13.47
C PRO A 209 -0.56 -20.59 -12.95
N PHE A 210 -0.25 -20.59 -11.65
CA PHE A 210 0.32 -21.78 -11.02
C PHE A 210 -0.51 -22.09 -9.78
N ASP A 211 -1.03 -23.31 -9.72
CA ASP A 211 -1.78 -23.73 -8.54
C ASP A 211 -1.57 -25.22 -8.32
N ASP A 212 -1.72 -25.64 -7.06
CA ASP A 212 -1.67 -27.05 -6.76
C ASP A 212 -2.25 -27.29 -5.38
N ASP A 213 -2.34 -28.56 -4.96
CA ASP A 213 -3.01 -28.81 -3.69
C ASP A 213 -2.02 -29.15 -2.59
N ASN A 214 -0.72 -28.94 -2.84
CA ASN A 214 0.29 -29.11 -1.81
C ASN A 214 1.50 -28.28 -2.19
N VAL A 215 2.23 -27.80 -1.20
CA VAL A 215 3.32 -26.83 -1.34
C VAL A 215 4.41 -27.35 -2.28
N MET A 216 4.82 -28.62 -2.10
CA MET A 216 5.92 -29.13 -2.89
C MET A 216 5.54 -29.10 -4.36
N ALA A 217 4.32 -29.52 -4.69
CA ALA A 217 3.92 -29.55 -6.09
C ALA A 217 3.81 -28.15 -6.69
N LEU A 218 3.32 -27.20 -5.88
CA LEU A 218 3.17 -25.82 -6.33
C LEU A 218 4.56 -25.21 -6.57
N TYR A 219 5.45 -25.39 -5.61
CA TYR A 219 6.82 -24.94 -5.71
C TYR A 219 7.47 -25.46 -6.98
N LYS A 220 7.30 -26.75 -7.25
CA LYS A 220 7.85 -27.24 -8.49
C LYS A 220 7.29 -26.52 -9.70
N LYS A 221 5.98 -26.27 -9.72
CA LYS A 221 5.34 -25.66 -10.88
C LYS A 221 5.88 -24.24 -11.10
N ILE A 222 5.97 -23.47 -10.01
CA ILE A 222 6.51 -22.12 -10.06
C ILE A 222 7.94 -22.13 -10.59
N MET A 223 8.79 -23.04 -10.08
CA MET A 223 10.18 -23.08 -10.51
C MET A 223 10.33 -23.53 -11.95
N ARG A 224 9.38 -24.32 -12.45
CA ARG A 224 9.39 -24.73 -13.84
C ARG A 224 8.97 -23.55 -14.72
N GLY A 225 8.08 -22.67 -14.20
CA GLY A 225 7.69 -21.45 -14.88
C GLY A 225 6.77 -21.66 -16.09
N LYS A 226 6.10 -22.81 -16.22
CA LYS A 226 5.21 -23.02 -17.34
C LYS A 226 3.77 -22.81 -16.86
N TYR A 227 2.97 -22.15 -17.69
CA TYR A 227 1.58 -21.85 -17.38
C TYR A 227 0.78 -21.84 -18.68
N ASP A 228 -0.54 -22.02 -18.58
CA ASP A 228 -1.36 -21.92 -19.78
C ASP A 228 -1.66 -20.45 -20.02
N VAL A 229 -1.88 -20.16 -21.30
CA VAL A 229 -2.22 -18.82 -21.75
C VAL A 229 -3.59 -18.92 -22.39
N PRO A 230 -4.68 -18.51 -21.73
CA PRO A 230 -6.02 -18.53 -22.34
C PRO A 230 -6.14 -17.77 -23.67
N LYS A 231 -7.17 -18.14 -24.45
CA LYS A 231 -7.29 -17.76 -25.84
C LYS A 231 -7.62 -16.27 -25.93
N TRP A 232 -8.19 -15.70 -24.86
CA TRP A 232 -8.63 -14.32 -24.90
C TRP A 232 -7.51 -13.31 -24.64
N LEU A 233 -6.31 -13.74 -24.26
CA LEU A 233 -5.22 -12.81 -24.01
C LEU A 233 -4.67 -12.27 -25.34
N SER A 234 -4.48 -10.95 -25.43
CA SER A 234 -3.89 -10.40 -26.64
C SER A 234 -2.44 -10.86 -26.77
N PRO A 235 -1.86 -10.85 -28.00
CA PRO A 235 -0.42 -11.08 -28.17
C PRO A 235 0.41 -10.18 -27.26
N SER A 236 0.02 -8.91 -27.16
CA SER A 236 0.79 -7.97 -26.37
C SER A 236 0.76 -8.32 -24.87
N SER A 237 -0.41 -8.74 -24.37
CA SER A 237 -0.56 -9.28 -23.02
C SER A 237 0.39 -10.44 -22.77
N ILE A 238 0.35 -11.40 -23.68
CA ILE A 238 1.13 -12.61 -23.60
C ILE A 238 2.60 -12.24 -23.55
N LEU A 239 2.98 -11.23 -24.33
CA LEU A 239 4.35 -10.83 -24.41
C LEU A 239 4.79 -10.14 -23.13
N LEU A 240 3.99 -9.24 -22.54
CA LEU A 240 4.39 -8.62 -21.28
C LEU A 240 4.50 -9.67 -20.13
N LEU A 241 3.56 -10.62 -20.09
CA LEU A 241 3.64 -11.71 -19.12
C LEU A 241 4.96 -12.48 -19.23
N GLN A 242 5.40 -12.77 -20.46
CA GLN A 242 6.63 -13.53 -20.68
C GLN A 242 7.87 -12.76 -20.22
N GLN A 243 7.81 -11.43 -20.34
CA GLN A 243 8.90 -10.58 -19.87
C GLN A 243 8.92 -10.43 -18.36
N MET A 244 7.77 -10.57 -17.71
CA MET A 244 7.73 -10.45 -16.26
C MET A 244 7.95 -11.81 -15.58
N LEU A 245 7.34 -12.86 -16.10
CA LEU A 245 7.34 -14.17 -15.46
C LEU A 245 8.51 -15.01 -15.99
N GLN A 246 9.70 -14.61 -15.60
CA GLN A 246 10.95 -15.26 -15.94
C GLN A 246 11.50 -15.85 -14.64
N VAL A 247 11.70 -17.17 -14.63
CA VAL A 247 12.06 -17.83 -13.38
C VAL A 247 13.41 -17.29 -12.92
N ASP A 248 14.26 -16.97 -13.90
CA ASP A 248 15.55 -16.39 -13.61
C ASP A 248 15.37 -14.90 -13.41
N PRO A 249 15.61 -14.40 -12.19
CA PRO A 249 15.31 -13.01 -11.84
C PRO A 249 16.09 -12.01 -12.68
N LYS A 250 17.29 -12.44 -13.08
CA LYS A 250 18.15 -11.58 -13.87
C LYS A 250 17.50 -11.31 -15.22
N LYS A 251 16.69 -12.25 -15.74
CA LYS A 251 16.08 -12.11 -17.06
C LYS A 251 14.77 -11.34 -17.03
N ARG A 252 14.34 -10.91 -15.84
CA ARG A 252 13.07 -10.24 -15.71
C ARG A 252 13.23 -8.77 -16.07
N ILE A 253 12.23 -8.26 -16.77
CA ILE A 253 12.13 -6.85 -17.01
C ILE A 253 12.34 -6.09 -15.72
N SER A 254 13.02 -4.98 -15.91
CA SER A 254 13.30 -4.00 -14.90
C SER A 254 12.02 -3.21 -14.70
N MET A 255 11.91 -2.54 -13.56
CA MET A 255 10.72 -1.75 -13.30
C MET A 255 10.65 -0.60 -14.32
N LYS A 256 11.78 -0.31 -14.95
CA LYS A 256 11.88 0.93 -15.68
C LYS A 256 11.65 0.65 -17.15
N ASN A 257 11.97 -0.57 -17.62
CA ASN A 257 11.44 -0.98 -18.92
C ASN A 257 9.91 -1.17 -18.83
N LEU A 258 9.33 -1.22 -17.61
CA LEU A 258 7.91 -1.54 -17.44
C LEU A 258 7.04 -0.28 -17.48
N LEU A 259 7.54 0.83 -16.93
CA LEU A 259 6.80 2.08 -16.99
C LEU A 259 6.57 2.51 -18.45
N ASN A 260 7.49 2.08 -19.33
CA ASN A 260 7.53 2.53 -20.71
C ASN A 260 7.00 1.46 -21.67
N HIS A 261 6.51 0.35 -21.09
CA HIS A 261 6.25 -0.85 -21.87
C HIS A 261 5.11 -0.56 -22.83
N PRO A 262 5.22 -1.03 -24.09
CA PRO A 262 4.15 -0.85 -25.07
C PRO A 262 2.76 -1.25 -24.55
N TRP A 263 2.68 -2.35 -23.79
CA TRP A 263 1.39 -2.79 -23.32
C TRP A 263 0.82 -1.77 -22.34
N ILE A 264 1.70 -1.21 -21.53
CA ILE A 264 1.35 -0.25 -20.51
C ILE A 264 0.87 1.04 -21.15
N MET A 265 1.43 1.36 -22.31
CA MET A 265 1.15 2.66 -22.99
C MET A 265 -0.09 2.60 -23.90
N GLN A 266 -0.46 1.42 -24.39
CA GLN A 266 -1.62 1.33 -25.28
C GLN A 266 -2.81 2.11 -24.70
N ASP A 267 -3.30 3.07 -25.48
CA ASP A 267 -4.54 3.80 -25.21
C ASP A 267 -4.36 4.93 -24.21
N TYR A 268 -3.11 5.18 -23.78
CA TYR A 268 -2.76 6.26 -22.88
C TYR A 268 -1.79 7.18 -23.61
N ASN A 269 -0.78 6.54 -24.22
CA ASN A 269 0.21 7.20 -25.05
C ASN A 269 1.12 8.05 -24.17
N TYR A 270 1.14 7.79 -22.85
CA TYR A 270 2.14 8.40 -21.98
C TYR A 270 2.48 7.44 -20.85
N PRO A 271 3.75 7.44 -20.36
CA PRO A 271 4.21 6.42 -19.42
C PRO A 271 3.55 6.58 -18.05
N VAL A 272 3.68 5.55 -17.23
CA VAL A 272 3.15 5.64 -15.88
C VAL A 272 3.93 6.73 -15.15
N GLU A 273 3.21 7.72 -14.61
CA GLU A 273 3.79 8.72 -13.72
C GLU A 273 3.89 8.12 -12.32
N TRP A 274 5.09 7.69 -11.95
CA TRP A 274 5.29 6.98 -10.70
C TRP A 274 5.71 7.92 -9.58
N GLN A 275 6.21 9.11 -9.92
CA GLN A 275 6.71 10.07 -8.95
C GLN A 275 5.50 10.54 -8.15
N SER A 276 5.71 10.86 -6.86
CA SER A 276 4.63 11.28 -5.97
C SER A 276 4.13 12.68 -6.36
N LYS A 277 2.84 12.79 -6.66
CA LYS A 277 2.20 14.07 -6.87
C LYS A 277 1.96 14.69 -5.50
N ASN A 278 2.96 14.59 -4.61
CA ASN A 278 2.80 14.94 -3.21
C ASN A 278 3.78 16.07 -2.90
N PRO A 279 3.37 17.14 -2.16
CA PRO A 279 4.23 18.30 -1.95
C PRO A 279 5.37 17.88 -1.03
N PHE A 280 6.62 18.06 -1.48
CA PHE A 280 7.79 17.82 -0.66
C PHE A 280 7.50 18.26 0.79
N ILE A 281 7.22 19.55 1.01
CA ILE A 281 6.63 19.98 2.28
C ILE A 281 5.48 20.96 1.99
N HIS A 282 5.65 21.85 0.99
CA HIS A 282 4.64 22.85 0.65
C HIS A 282 3.32 22.59 1.41
N LEU A 283 3.09 23.33 2.53
CA LEU A 283 1.89 23.11 3.33
C LEU A 283 0.65 23.62 2.59
N ASP A 284 -0.50 23.00 2.88
CA ASP A 284 -1.77 23.42 2.32
C ASP A 284 -2.36 24.54 3.16
N ASP A 285 -2.64 25.69 2.54
CA ASP A 285 -3.10 26.86 3.29
C ASP A 285 -4.42 26.60 3.98
N ASP A 286 -5.37 25.90 3.34
CA ASP A 286 -6.67 25.71 3.97
C ASP A 286 -6.56 24.83 5.21
N CYS A 287 -5.74 23.80 5.14
CA CYS A 287 -5.49 22.96 6.30
C CYS A 287 -4.82 23.74 7.44
N VAL A 288 -3.83 24.55 7.10
CA VAL A 288 -3.14 25.36 8.12
C VAL A 288 -4.13 26.32 8.75
N THR A 289 -5.01 26.93 7.94
CA THR A 289 -5.96 27.90 8.48
C THR A 289 -6.83 27.19 9.49
N GLU A 290 -7.37 26.02 9.13
CA GLU A 290 -8.30 25.36 10.01
C GLU A 290 -7.63 25.01 11.35
N LEU A 291 -6.39 24.50 11.28
CA LEU A 291 -5.65 24.19 12.50
C LEU A 291 -5.37 25.48 13.28
N SER A 292 -5.01 26.57 12.60
CA SER A 292 -4.71 27.83 13.28
C SER A 292 -5.92 28.31 14.07
N VAL A 293 -7.08 28.28 13.41
CA VAL A 293 -8.34 28.56 14.09
C VAL A 293 -8.51 27.66 15.32
N HIS A 294 -8.41 26.34 15.11
CA HIS A 294 -8.68 25.41 16.20
C HIS A 294 -7.72 25.61 17.37
N HIS A 295 -6.43 25.79 17.08
CA HIS A 295 -5.43 25.96 18.11
C HIS A 295 -5.27 27.43 18.54
N ARG A 296 -6.00 28.37 17.93
CA ARG A 296 -5.88 29.77 18.35
C ARG A 296 -4.46 30.28 18.12
N ASN A 297 -3.87 29.89 16.99
CA ASN A 297 -2.51 30.30 16.61
C ASN A 297 -2.56 31.22 15.42
N ASN A 298 -1.53 32.06 15.31
CA ASN A 298 -1.27 32.77 14.09
C ASN A 298 -0.70 31.74 13.12
N ARG A 299 -0.81 32.08 11.83
CA ARG A 299 -0.53 31.18 10.73
C ARG A 299 0.91 30.66 10.81
N GLN A 300 1.87 31.56 11.04
CA GLN A 300 3.29 31.21 10.99
C GLN A 300 3.60 30.19 12.10
N THR A 301 3.07 30.45 13.29
CA THR A 301 3.30 29.55 14.40
C THR A 301 2.74 28.17 14.07
N MET A 302 1.54 28.13 13.49
CA MET A 302 0.90 26.87 13.17
C MET A 302 1.72 26.12 12.12
N GLU A 303 2.20 26.85 11.09
CA GLU A 303 3.01 26.23 10.05
C GLU A 303 4.31 25.65 10.60
N ASP A 304 4.95 26.39 11.52
CA ASP A 304 6.15 25.94 12.20
C ASP A 304 5.91 24.65 13.00
N LEU A 305 4.79 24.55 13.74
CA LEU A 305 4.47 23.35 14.48
C LEU A 305 4.20 22.15 13.55
N ILE A 306 3.44 22.37 12.47
CA ILE A 306 3.12 21.29 11.55
C ILE A 306 4.43 20.80 10.95
N SER A 307 5.31 21.72 10.60
CA SER A 307 6.54 21.43 9.89
C SER A 307 7.52 20.60 10.74
N LEU A 308 7.30 20.46 12.02
CA LEU A 308 8.06 19.49 12.80
C LEU A 308 7.75 18.05 12.39
N TRP A 309 6.56 17.75 11.84
CA TRP A 309 6.29 16.43 11.30
C TRP A 309 6.66 15.34 12.29
N GLN A 310 6.12 15.44 13.50
CA GLN A 310 6.43 14.47 14.52
C GLN A 310 5.58 13.21 14.42
N TYR A 311 4.66 13.11 13.46
CA TYR A 311 3.72 12.00 13.41
C TYR A 311 3.05 11.84 14.78
N ASP A 312 2.73 12.99 15.38
CA ASP A 312 1.87 13.04 16.54
C ASP A 312 0.45 13.38 16.07
N HIS A 313 -0.39 13.81 17.02
CA HIS A 313 -1.79 14.07 16.72
C HIS A 313 -1.95 15.22 15.72
N LEU A 314 -1.02 16.19 15.78
CA LEU A 314 -1.03 17.30 14.84
C LEU A 314 -0.77 16.84 13.39
N THR A 315 0.26 15.99 13.20
CA THR A 315 0.54 15.45 11.89
C THR A 315 -0.69 14.73 11.35
N ALA A 316 -1.31 13.92 12.21
CA ALA A 316 -2.46 13.14 11.80
C ALA A 316 -3.63 14.05 11.40
N THR A 317 -3.92 15.07 12.19
CA THR A 317 -5.07 15.94 11.91
C THR A 317 -4.82 16.67 10.59
N TYR A 318 -3.58 17.16 10.43
CA TYR A 318 -3.14 17.83 9.22
C TYR A 318 -3.34 16.93 8.00
N LEU A 319 -2.85 15.68 8.09
CA LEU A 319 -2.85 14.78 6.93
C LEU A 319 -4.28 14.40 6.59
N LEU A 320 -5.12 14.23 7.62
CA LEU A 320 -6.52 13.92 7.41
C LEU A 320 -7.29 15.07 6.76
N LEU A 321 -7.08 16.29 7.23
CA LEU A 321 -7.67 17.44 6.57
C LEU A 321 -7.22 17.52 5.12
N LEU A 322 -5.95 17.21 4.84
CA LEU A 322 -5.38 17.31 3.50
C LEU A 322 -6.01 16.26 2.59
N ALA A 323 -6.39 15.13 3.19
CA ALA A 323 -7.06 14.09 2.44
C ALA A 323 -8.53 14.47 2.28
N LYS A 324 -9.11 15.15 3.26
CA LYS A 324 -10.42 15.74 3.10
C LYS A 324 -10.42 16.70 1.92
N LYS A 325 -9.32 17.45 1.76
CA LYS A 325 -9.24 18.43 0.69
C LYS A 325 -9.09 17.70 -0.64
N ALA A 326 -8.07 16.84 -0.75
CA ALA A 326 -7.75 16.15 -1.99
C ALA A 326 -8.97 15.42 -2.54
N ARG A 327 -9.96 15.14 -1.67
CA ARG A 327 -11.18 14.45 -2.05
C ARG A 327 -12.34 15.44 -2.12
N GLY A 328 -12.02 16.71 -2.39
CA GLY A 328 -13.03 17.73 -2.64
C GLY A 328 -13.95 18.00 -1.45
N LYS A 329 -13.71 17.36 -0.30
CA LYS A 329 -14.61 17.52 0.84
C LYS A 329 -14.17 18.74 1.64
N PRO A 330 -14.99 19.24 2.58
CA PRO A 330 -14.66 20.46 3.32
C PRO A 330 -13.56 20.24 4.37
N VAL A 331 -12.76 21.28 4.54
CA VAL A 331 -11.56 21.23 5.36
C VAL A 331 -11.96 21.83 6.70
N ARG A 332 -12.53 20.95 7.52
CA ARG A 332 -13.21 21.33 8.73
C ARG A 332 -12.94 20.30 9.80
N LEU A 333 -12.85 20.81 11.04
CA LEU A 333 -12.70 19.94 12.21
C LEU A 333 -14.02 19.98 12.99
N ARG A 334 -14.62 18.83 13.27
CA ARG A 334 -15.89 18.75 14.03
C ARG A 334 -15.64 19.21 15.47
N LEU A 335 -16.46 20.13 15.99
CA LEU A 335 -16.18 20.69 17.32
C LEU A 335 -17.43 21.02 18.14
N SER A 336 -18.41 20.09 18.24
CA SER A 336 -19.50 20.23 19.21
C SER A 336 -20.20 18.87 19.39
#